data_7DS8
#
_entry.id   7DS8
#
_cell.length_a   59.690
_cell.length_b   63.840
_cell.length_c   144.970
_cell.angle_alpha   90.000
_cell.angle_beta   90.000
_cell.angle_gamma   90.000
#
_symmetry.space_group_name_H-M   'P 21 21 21'
#
loop_
_entity.id
_entity.type
_entity.pdbx_description
1 polymer 'F-actin-capping protein subunit alpha-1'
2 polymer 'F-actin-capping protein subunit beta isoforms 1'
3 polymer 'CD2-associated protein,Twinfilin-1'
4 water water
#
loop_
_entity_poly.entity_id
_entity_poly.type
_entity_poly.pdbx_seq_one_letter_code
_entity_poly.pdbx_strand_id
1 'polypeptide(L)'
;MADFEDRVSDEEKVRIAAKFITHAPPGEFNEVFNDVRLLLNNDNLLREGAAHAFAQYNMDQFTPVKIEGYDDQVLITEHG
DLGNGRFLDPRNKISFKFDHLRKEASDPQPEDTESALKQWRDACDSALRAYVKDHYPNGFCTVYGKSIDGQQTIIACIES
HQFQPKNFWNGRWRSEWKFTITPPTAQVAAVLKIQVHYYEDGNVQLVSHKDIQDSVQVSSDVQTAKEFIKIIENAENEYQ
TAISENYQTMSDTTFKALRRQLPVTRTKIDWNKILSYKIGKEMQNA
;
A
2 'polypeptide(L)'
;MSDQQLDCALDLMRRLPPQQIEKNLSDLIDLVPSLCEDLLSSVDQPLKIARDKVVGKDYLLCDYNRDGDSYRSPWSNKYD
PPLEDGAMPSARLRKLEVEANNAFDQYRDLYFEGGVSSVYLWDLDHGFAGVILIKKAGDGSKKIKGCWDSIHVVEVQEKS
SGRTAHYKLTSTVMLWLQTNKTGSGTMNLGGSLTRQMEKDETVSDSSPHIANIGRLVEDMENKIRSTLNEIYFGKTKDIV
NGLR
;
B
3 'polypeptide(L)' NLLHLTANRPKGPAGKRGIRRLIRGPAE C
#
# COMPACT_ATOMS: atom_id res chain seq x y z
N ASP A 3 2.25 25.44 23.21
CA ASP A 3 2.13 23.99 23.06
C ASP A 3 0.68 23.53 23.17
N PHE A 4 0.00 23.86 24.27
CA PHE A 4 -1.42 23.57 24.35
C PHE A 4 -2.19 24.35 23.29
N GLU A 5 -1.75 25.57 22.99
CA GLU A 5 -2.35 26.32 21.90
C GLU A 5 -2.17 25.61 20.56
N ASP A 6 -1.18 24.70 20.45
CA ASP A 6 -0.92 23.98 19.22
C ASP A 6 -1.49 22.56 19.24
N ARG A 7 -2.44 22.28 20.13
CA ARG A 7 -3.00 20.94 20.23
C ARG A 7 -3.83 20.60 18.98
N VAL A 8 -3.98 19.31 18.74
CA VAL A 8 -4.79 18.84 17.63
C VAL A 8 -6.26 18.99 17.99
N SER A 9 -6.98 19.79 17.22
CA SER A 9 -8.38 20.04 17.51
C SER A 9 -9.25 18.85 17.11
N ASP A 10 -10.47 18.82 17.67
CA ASP A 10 -11.46 17.82 17.27
C ASP A 10 -11.80 17.94 15.79
N GLU A 11 -11.79 19.16 15.26
CA GLU A 11 -12.02 19.35 13.83
C GLU A 11 -10.93 18.66 13.01
N GLU A 12 -9.69 18.72 13.49
CA GLU A 12 -8.58 18.11 12.78
C GLU A 12 -8.59 16.59 12.95
N LYS A 13 -9.00 16.11 14.12
CA LYS A 13 -9.10 14.67 14.33
C LYS A 13 -10.13 14.05 13.39
N VAL A 14 -11.29 14.69 13.22
CA VAL A 14 -12.29 14.08 12.38
C VAL A 14 -11.96 14.28 10.89
N ARG A 15 -11.22 15.35 10.55
CA ARG A 15 -10.70 15.46 9.19
C ARG A 15 -9.77 14.30 8.88
N ILE A 16 -8.90 13.95 9.83
CA ILE A 16 -8.00 12.82 9.63
C ILE A 16 -8.79 11.52 9.56
N ALA A 17 -9.75 11.35 10.48
CA ALA A 17 -10.65 10.19 10.42
C ALA A 17 -11.28 10.06 9.04
N ALA A 18 -11.84 11.17 8.53
CA ALA A 18 -12.47 11.15 7.22
C ALA A 18 -11.47 10.83 6.12
N LYS A 19 -10.25 11.35 6.24
CA LYS A 19 -9.22 11.07 5.25
C LYS A 19 -8.90 9.58 5.19
N PHE A 20 -8.71 8.96 6.34
CA PHE A 20 -8.43 7.52 6.36
C PHE A 20 -9.57 6.74 5.70
N ILE A 21 -10.81 7.15 5.96
CA ILE A 21 -11.96 6.44 5.41
C ILE A 21 -11.97 6.51 3.90
N THR A 22 -11.65 7.68 3.33
CA THR A 22 -11.65 7.77 1.86
C THR A 22 -10.51 6.97 1.24
N HIS A 23 -9.49 6.61 2.01
CA HIS A 23 -8.37 5.85 1.52
C HIS A 23 -8.44 4.36 1.88
N ALA A 24 -9.60 3.88 2.34
CA ALA A 24 -9.77 2.46 2.55
C ALA A 24 -9.60 1.70 1.24
N PRO A 25 -8.92 0.55 1.25
CA PRO A 25 -8.79 -0.27 0.05
C PRO A 25 -10.14 -0.80 -0.39
N PRO A 26 -10.26 -1.25 -1.63
CA PRO A 26 -11.55 -1.82 -2.07
C PRO A 26 -11.91 -3.03 -1.22
N GLY A 27 -13.16 -3.09 -0.77
CA GLY A 27 -13.65 -4.20 0.01
C GLY A 27 -13.28 -4.18 1.46
N GLU A 28 -12.69 -3.09 1.96
CA GLU A 28 -12.25 -3.02 3.34
C GLU A 28 -12.76 -1.77 4.03
N PHE A 29 -13.82 -1.17 3.50
CA PHE A 29 -14.39 0.01 4.12
C PHE A 29 -14.76 -0.26 5.57
N ASN A 30 -15.46 -1.37 5.82
CA ASN A 30 -15.96 -1.64 7.18
C ASN A 30 -14.83 -1.75 8.19
N GLU A 31 -13.72 -2.40 7.81
CA GLU A 31 -12.61 -2.54 8.74
C GLU A 31 -11.94 -1.21 9.02
N VAL A 32 -11.72 -0.40 7.97
CA VAL A 32 -11.11 0.91 8.19
C VAL A 32 -12.07 1.79 9.00
N PHE A 33 -13.37 1.72 8.70
CA PHE A 33 -14.34 2.52 9.46
C PHE A 33 -14.32 2.13 10.93
N ASN A 34 -14.39 0.82 11.22
CA ASN A 34 -14.37 0.38 12.62
C ASN A 34 -13.09 0.82 13.33
N ASP A 35 -11.95 0.73 12.65
CA ASP A 35 -10.70 1.20 13.25
C ASP A 35 -10.83 2.68 13.63
N VAL A 36 -11.22 3.49 12.66
CA VAL A 36 -11.28 4.94 12.82
C VAL A 36 -12.32 5.31 13.86
N ARG A 37 -13.44 4.59 13.89
CA ARG A 37 -14.47 4.85 14.90
C ARG A 37 -13.91 4.62 16.29
N LEU A 38 -13.16 3.54 16.49
CA LEU A 38 -12.61 3.28 17.82
C LEU A 38 -11.47 4.23 18.16
N LEU A 39 -10.68 4.64 17.16
CA LEU A 39 -9.59 5.57 17.43
C LEU A 39 -10.10 6.96 17.79
N LEU A 40 -11.12 7.44 17.07
CA LEU A 40 -11.70 8.76 17.35
C LEU A 40 -12.49 8.76 18.65
N ASN A 41 -13.19 7.65 18.92
CA ASN A 41 -13.93 7.46 20.18
C ASN A 41 -14.90 8.61 20.43
N ASN A 42 -15.67 8.94 19.40
CA ASN A 42 -16.67 10.00 19.50
C ASN A 42 -17.63 9.85 18.33
N ASP A 43 -18.64 8.98 18.47
CA ASP A 43 -19.50 8.63 17.35
C ASP A 43 -20.24 9.86 16.80
N ASN A 44 -20.64 10.77 17.68
CA ASN A 44 -21.34 11.96 17.20
C ASN A 44 -20.43 12.80 16.32
N LEU A 45 -19.19 13.03 16.77
CA LEU A 45 -18.24 13.77 15.95
C LEU A 45 -17.97 13.03 14.64
N LEU A 46 -17.79 11.70 14.72
CA LEU A 46 -17.58 10.91 13.52
C LEU A 46 -18.75 11.05 12.55
N ARG A 47 -19.97 10.85 13.07
CA ARG A 47 -21.16 10.93 12.19
C ARG A 47 -21.25 12.27 11.49
N GLU A 48 -20.93 13.36 12.19
CA GLU A 48 -21.04 14.69 11.61
C GLU A 48 -19.90 14.96 10.64
N GLY A 49 -18.66 14.88 11.11
CA GLY A 49 -17.52 15.30 10.34
C GLY A 49 -17.08 14.35 9.25
N ALA A 50 -17.61 13.12 9.22
CA ALA A 50 -17.17 12.14 8.23
C ALA A 50 -18.30 11.68 7.31
N ALA A 51 -19.48 12.28 7.41
CA ALA A 51 -20.58 11.90 6.52
C ALA A 51 -20.19 12.12 5.05
N HIS A 52 -19.54 13.25 4.75
CA HIS A 52 -19.15 13.51 3.37
C HIS A 52 -18.15 12.45 2.88
N ALA A 53 -17.34 11.89 3.79
CA ALA A 53 -16.32 10.93 3.39
C ALA A 53 -16.92 9.57 3.06
N PHE A 54 -17.95 9.15 3.79
CA PHE A 54 -18.64 7.91 3.45
C PHE A 54 -19.17 7.99 2.02
N ALA A 55 -19.82 9.11 1.67
CA ALA A 55 -20.38 9.27 0.35
C ALA A 55 -19.29 9.39 -0.70
N GLN A 56 -18.20 10.08 -0.35
CA GLN A 56 -17.11 10.24 -1.30
CA GLN A 56 -17.10 10.24 -1.29
C GLN A 56 -16.42 8.90 -1.59
N TYR A 57 -16.29 8.05 -0.56
CA TYR A 57 -15.71 6.72 -0.79
C TYR A 57 -16.52 5.96 -1.83
N ASN A 58 -17.83 5.87 -1.63
CA ASN A 58 -18.66 5.08 -2.53
C ASN A 58 -18.67 5.67 -3.94
N MET A 59 -18.71 7.00 -4.06
CA MET A 59 -18.72 7.57 -5.41
C MET A 59 -17.35 7.41 -6.08
N ASP A 60 -16.27 7.59 -5.32
CA ASP A 60 -14.92 7.37 -5.85
C ASP A 60 -14.75 5.93 -6.32
N GLN A 61 -15.32 4.97 -5.57
CA GLN A 61 -15.08 3.55 -5.79
C GLN A 61 -16.05 2.90 -6.75
N PHE A 62 -17.03 3.65 -7.28
CA PHE A 62 -18.06 3.10 -8.18
C PHE A 62 -18.78 1.92 -7.56
N THR A 63 -19.09 2.03 -6.26
CA THR A 63 -19.71 0.94 -5.52
C THR A 63 -20.98 0.45 -6.22
N PRO A 64 -21.04 -0.82 -6.62
CA PRO A 64 -22.27 -1.34 -7.24
C PRO A 64 -23.31 -1.71 -6.19
N VAL A 65 -24.57 -1.41 -6.47
CA VAL A 65 -25.63 -1.66 -5.50
C VAL A 65 -26.80 -2.34 -6.20
N LYS A 66 -27.39 -3.32 -5.53
CA LYS A 66 -28.60 -3.99 -6.02
C LYS A 66 -29.83 -3.25 -5.48
N ILE A 67 -30.75 -2.92 -6.37
CA ILE A 67 -31.99 -2.27 -6.00
C ILE A 67 -33.09 -3.32 -6.02
N GLU A 68 -33.83 -3.45 -4.90
CA GLU A 68 -34.91 -4.41 -4.83
C GLU A 68 -35.93 -4.13 -5.93
N GLY A 69 -36.21 -5.16 -6.74
CA GLY A 69 -37.17 -5.06 -7.82
C GLY A 69 -36.57 -4.91 -9.19
N TYR A 70 -35.27 -4.67 -9.30
CA TYR A 70 -34.61 -4.48 -10.58
C TYR A 70 -33.43 -5.44 -10.68
N ASP A 71 -33.23 -6.00 -11.88
CA ASP A 71 -32.24 -7.06 -12.04
C ASP A 71 -30.81 -6.53 -12.04
N ASP A 72 -30.55 -5.46 -12.79
CA ASP A 72 -29.19 -4.99 -12.96
C ASP A 72 -28.76 -4.13 -11.76
N GLN A 73 -27.51 -4.28 -11.36
CA GLN A 73 -26.95 -3.40 -10.34
C GLN A 73 -26.61 -2.04 -10.96
N VAL A 74 -26.52 -1.03 -10.11
CA VAL A 74 -26.18 0.31 -10.58
C VAL A 74 -24.96 0.79 -9.81
N LEU A 75 -24.13 1.59 -10.49
CA LEU A 75 -22.95 2.16 -9.87
C LEU A 75 -23.30 3.46 -9.15
N ILE A 76 -22.76 3.60 -7.94
CA ILE A 76 -22.77 4.87 -7.22
C ILE A 76 -21.61 5.71 -7.75
N THR A 77 -21.93 6.80 -8.48
CA THR A 77 -20.90 7.72 -8.98
C THR A 77 -21.33 9.16 -8.71
N GLU A 78 -20.37 10.08 -8.85
CA GLU A 78 -20.70 11.50 -8.78
C GLU A 78 -21.71 11.90 -9.85
N HIS A 79 -21.66 11.24 -11.01
CA HIS A 79 -22.60 11.58 -12.09
C HIS A 79 -24.03 11.23 -11.74
N GLY A 80 -24.24 10.39 -10.74
CA GLY A 80 -25.58 10.01 -10.30
C GLY A 80 -26.05 10.68 -9.03
N ASP A 81 -25.25 11.56 -8.43
CA ASP A 81 -25.59 12.17 -7.15
C ASP A 81 -26.70 13.19 -7.35
N LEU A 82 -27.91 12.88 -6.90
CA LEU A 82 -29.06 13.77 -6.99
C LEU A 82 -29.26 14.60 -5.74
N GLY A 83 -28.36 14.48 -4.76
CA GLY A 83 -28.51 15.17 -3.50
C GLY A 83 -29.53 14.51 -2.59
N ASN A 84 -29.53 14.95 -1.33
CA ASN A 84 -30.43 14.43 -0.30
C ASN A 84 -30.31 12.92 -0.13
N GLY A 85 -29.10 12.40 -0.29
CA GLY A 85 -28.88 10.98 -0.14
C GLY A 85 -29.47 10.12 -1.22
N ARG A 86 -29.88 10.69 -2.35
CA ARG A 86 -30.46 9.89 -3.41
C ARG A 86 -29.55 9.85 -4.62
N PHE A 87 -29.70 8.79 -5.43
CA PHE A 87 -28.86 8.59 -6.59
C PHE A 87 -29.73 8.17 -7.77
N LEU A 88 -29.23 8.47 -8.96
CA LEU A 88 -29.89 8.14 -10.20
C LEU A 88 -29.48 6.75 -10.67
N ASP A 89 -30.46 5.95 -11.08
CA ASP A 89 -30.25 4.76 -11.92
C ASP A 89 -30.71 5.09 -13.32
N PRO A 90 -29.81 5.46 -14.24
CA PRO A 90 -30.25 5.92 -15.57
C PRO A 90 -30.63 4.80 -16.51
N ARG A 91 -30.35 3.54 -16.17
CA ARG A 91 -30.85 2.42 -16.95
C ARG A 91 -32.32 2.14 -16.65
N ASN A 92 -32.71 2.26 -15.38
CA ASN A 92 -34.09 2.02 -14.97
C ASN A 92 -34.87 3.30 -14.75
N LYS A 93 -34.23 4.46 -14.97
CA LYS A 93 -34.90 5.75 -14.95
C LYS A 93 -35.56 6.00 -13.60
N ILE A 94 -34.80 5.75 -12.52
CA ILE A 94 -35.33 5.86 -11.17
C ILE A 94 -34.30 6.55 -10.29
N SER A 95 -34.78 7.19 -9.25
CA SER A 95 -33.94 7.60 -8.15
C SER A 95 -34.14 6.63 -6.98
N PHE A 96 -33.15 6.60 -6.11
CA PHE A 96 -33.23 5.73 -4.95
C PHE A 96 -32.41 6.33 -3.82
N LYS A 97 -32.83 6.06 -2.60
CA LYS A 97 -32.06 6.45 -1.43
C LYS A 97 -30.94 5.45 -1.21
N PHE A 98 -29.76 5.95 -0.83
CA PHE A 98 -28.61 5.08 -0.62
C PHE A 98 -28.01 5.40 0.75
N ASP A 99 -27.98 4.38 1.61
CA ASP A 99 -27.27 4.46 2.88
C ASP A 99 -25.81 4.15 2.61
N HIS A 100 -24.95 5.16 2.76
CA HIS A 100 -23.53 4.99 2.43
C HIS A 100 -22.80 4.09 3.41
N LEU A 101 -23.34 3.87 4.61
CA LEU A 101 -22.66 3.02 5.58
C LEU A 101 -23.01 1.55 5.37
N ARG A 102 -24.29 1.25 5.25
CA ARG A 102 -24.73 -0.12 5.06
C ARG A 102 -24.70 -0.55 3.61
N LYS A 103 -24.40 0.37 2.69
CA LYS A 103 -24.40 0.10 1.24
C LYS A 103 -25.72 -0.52 0.81
N GLU A 104 -26.82 0.14 1.20
CA GLU A 104 -28.15 -0.39 0.92
C GLU A 104 -28.98 0.67 0.19
N ALA A 105 -29.62 0.24 -0.90
CA ALA A 105 -30.53 1.09 -1.64
C ALA A 105 -31.96 0.88 -1.16
N SER A 106 -32.76 1.95 -1.15
CA SER A 106 -34.14 1.84 -0.74
C SER A 106 -34.97 2.93 -1.41
N ASP A 107 -36.29 2.78 -1.31
CA ASP A 107 -37.24 3.75 -1.78
C ASP A 107 -37.05 4.19 -3.24
N PRO A 108 -37.06 3.24 -4.17
CA PRO A 108 -36.97 3.63 -5.59
C PRO A 108 -38.19 4.40 -6.02
N GLN A 109 -37.97 5.47 -6.78
CA GLN A 109 -39.03 6.34 -7.30
C GLN A 109 -38.71 6.66 -8.75
N PRO A 110 -39.72 6.79 -9.62
CA PRO A 110 -39.45 7.26 -10.99
C PRO A 110 -38.78 8.62 -10.96
N GLU A 111 -37.93 8.86 -11.96
CA GLU A 111 -37.16 10.10 -12.07
C GLU A 111 -37.31 10.64 -13.49
N ASP A 112 -37.52 11.95 -13.61
CA ASP A 112 -37.72 12.57 -14.92
C ASP A 112 -36.46 12.43 -15.77
N THR A 113 -36.66 12.22 -17.08
CA THR A 113 -35.57 12.02 -18.04
C THR A 113 -35.91 12.68 -19.35
N GLU A 114 -34.99 13.52 -19.83
CA GLU A 114 -35.17 14.18 -21.11
C GLU A 114 -35.35 13.13 -22.18
N SER A 115 -36.38 13.30 -23.01
CA SER A 115 -36.66 12.40 -24.12
C SER A 115 -35.58 12.46 -25.20
N ALA A 116 -34.81 13.56 -25.24
CA ALA A 116 -33.81 13.75 -26.28
C ALA A 116 -32.76 12.65 -26.27
N LEU A 117 -31.96 12.60 -25.20
CA LEU A 117 -30.83 11.68 -25.15
C LEU A 117 -31.24 10.25 -24.83
N LYS A 118 -32.54 9.98 -24.70
CA LYS A 118 -33.02 8.64 -24.36
C LYS A 118 -32.39 7.59 -25.28
N GLN A 119 -32.49 7.80 -26.59
CA GLN A 119 -32.02 6.82 -27.56
C GLN A 119 -30.50 6.68 -27.51
N TRP A 120 -29.77 7.80 -27.45
CA TRP A 120 -28.32 7.76 -27.47
C TRP A 120 -27.77 7.12 -26.21
N ARG A 121 -28.31 7.50 -25.04
CA ARG A 121 -27.87 6.87 -23.80
C ARG A 121 -28.26 5.40 -23.77
N ASP A 122 -29.49 5.08 -24.19
CA ASP A 122 -29.91 3.67 -24.25
C ASP A 122 -29.02 2.85 -25.18
N ALA A 123 -28.59 3.44 -26.30
CA ALA A 123 -27.81 2.65 -27.26
C ALA A 123 -26.39 2.41 -26.76
N CYS A 124 -25.78 3.42 -26.13
CA CYS A 124 -24.47 3.22 -25.53
C CYS A 124 -24.53 2.24 -24.36
N ASP A 125 -25.57 2.36 -23.52
CA ASP A 125 -25.76 1.45 -22.40
C ASP A 125 -25.90 0.01 -22.89
N SER A 126 -26.65 -0.19 -23.97
CA SER A 126 -26.87 -1.54 -24.47
C SER A 126 -25.59 -2.13 -25.06
N ALA A 127 -24.78 -1.31 -25.74
CA ALA A 127 -23.53 -1.83 -26.26
C ALA A 127 -22.53 -2.09 -25.15
N LEU A 128 -22.47 -1.18 -24.16
CA LEU A 128 -21.51 -1.31 -23.06
C LEU A 128 -21.83 -2.53 -22.20
N ARG A 129 -23.12 -2.79 -21.96
CA ARG A 129 -23.49 -3.91 -21.12
C ARG A 129 -22.98 -5.23 -21.70
N ALA A 130 -23.17 -5.43 -23.00
CA ALA A 130 -22.66 -6.64 -23.66
C ALA A 130 -21.14 -6.66 -23.62
N TYR A 131 -20.51 -5.50 -23.83
CA TYR A 131 -19.06 -5.41 -23.74
C TYR A 131 -18.58 -5.84 -22.36
N VAL A 132 -19.20 -5.32 -21.32
CA VAL A 132 -18.78 -5.60 -19.96
C VAL A 132 -19.01 -7.06 -19.60
N LYS A 133 -20.16 -7.63 -20.00
CA LYS A 133 -20.40 -9.04 -19.71
CA LYS A 133 -20.40 -9.04 -19.72
C LYS A 133 -19.38 -9.93 -20.42
N ASP A 134 -18.99 -9.57 -21.64
CA ASP A 134 -18.00 -10.34 -22.39
C ASP A 134 -16.61 -10.24 -21.76
N HIS A 135 -16.23 -9.05 -21.27
CA HIS A 135 -14.82 -8.79 -20.93
C HIS A 135 -14.51 -8.86 -19.44
N TYR A 136 -15.52 -8.87 -18.55
CA TYR A 136 -15.26 -8.91 -17.12
C TYR A 136 -15.95 -10.11 -16.47
N PRO A 137 -15.39 -10.66 -15.38
CA PRO A 137 -16.06 -11.83 -14.74
C PRO A 137 -17.35 -11.46 -14.04
N ASN A 138 -17.36 -10.37 -13.26
CA ASN A 138 -18.57 -9.92 -12.57
C ASN A 138 -18.57 -8.38 -12.57
N GLY A 139 -18.47 -7.79 -13.77
CA GLY A 139 -18.43 -6.35 -13.88
C GLY A 139 -19.82 -5.73 -13.98
N PHE A 140 -19.88 -4.44 -13.69
CA PHE A 140 -21.11 -3.67 -13.80
C PHE A 140 -20.80 -2.34 -14.45
N CYS A 141 -21.80 -1.77 -15.11
CA CYS A 141 -21.60 -0.49 -15.78
C CYS A 141 -22.87 0.35 -15.67
N THR A 142 -22.67 1.67 -15.75
CA THR A 142 -23.73 2.66 -15.72
C THR A 142 -23.40 3.75 -16.73
N VAL A 143 -24.38 4.17 -17.52
CA VAL A 143 -24.18 5.14 -18.60
C VAL A 143 -25.11 6.31 -18.39
N TYR A 144 -24.54 7.50 -18.21
CA TYR A 144 -25.31 8.72 -18.04
C TYR A 144 -25.32 9.49 -19.35
N GLY A 145 -26.42 10.16 -19.61
CA GLY A 145 -26.52 11.09 -20.72
C GLY A 145 -26.89 12.46 -20.18
N LYS A 146 -25.97 13.42 -20.26
CA LYS A 146 -26.18 14.76 -19.72
C LYS A 146 -25.78 15.80 -20.73
N SER A 147 -26.02 17.06 -20.37
CA SER A 147 -25.59 18.22 -21.14
C SER A 147 -24.69 19.05 -20.23
N ILE A 148 -23.39 19.06 -20.53
CA ILE A 148 -22.41 19.82 -19.77
C ILE A 148 -21.96 20.98 -20.66
N ASP A 149 -22.28 22.21 -20.24
CA ASP A 149 -22.27 23.41 -21.07
C ASP A 149 -23.32 23.28 -22.17
N GLY A 150 -22.90 23.33 -23.43
CA GLY A 150 -23.84 23.15 -24.51
C GLY A 150 -23.75 21.75 -25.10
N GLN A 151 -22.72 21.02 -24.66
CA GLN A 151 -22.36 19.75 -25.27
C GLN A 151 -23.16 18.61 -24.66
N GLN A 152 -23.79 17.81 -25.51
CA GLN A 152 -24.49 16.62 -25.07
C GLN A 152 -23.48 15.50 -24.87
N THR A 153 -23.34 15.03 -23.64
CA THR A 153 -22.25 14.17 -23.23
C THR A 153 -22.76 12.80 -22.80
N ILE A 154 -22.02 11.77 -23.19
CA ILE A 154 -22.24 10.40 -22.72
C ILE A 154 -21.10 10.09 -21.76
N ILE A 155 -21.44 9.61 -20.57
CA ILE A 155 -20.43 9.23 -19.58
C ILE A 155 -20.66 7.77 -19.23
N ALA A 156 -19.65 6.93 -19.48
CA ALA A 156 -19.76 5.49 -19.22
C ALA A 156 -18.80 5.11 -18.11
N CYS A 157 -19.33 4.46 -17.08
CA CYS A 157 -18.56 4.00 -15.94
C CYS A 157 -18.64 2.48 -15.87
N ILE A 158 -17.50 1.85 -15.61
CA ILE A 158 -17.39 0.39 -15.48
C ILE A 158 -16.72 0.08 -14.16
N GLU A 159 -17.21 -0.94 -13.44
CA GLU A 159 -16.61 -1.40 -12.21
C GLU A 159 -16.48 -2.93 -12.24
N SER A 160 -15.40 -3.44 -11.66
CA SER A 160 -15.23 -4.89 -11.54
C SER A 160 -14.30 -5.14 -10.36
N HIS A 161 -14.78 -5.91 -9.38
CA HIS A 161 -13.97 -6.17 -8.21
C HIS A 161 -13.98 -7.66 -7.90
N GLN A 162 -12.97 -8.06 -7.14
CA GLN A 162 -12.89 -9.39 -6.57
C GLN A 162 -12.40 -9.24 -5.15
N PHE A 163 -13.24 -9.60 -4.18
CA PHE A 163 -12.92 -9.51 -2.77
C PHE A 163 -12.71 -10.92 -2.20
N GLN A 164 -11.51 -11.17 -1.67
CA GLN A 164 -11.21 -12.44 -0.99
C GLN A 164 -10.52 -12.18 0.33
N PRO A 165 -11.23 -11.59 1.31
CA PRO A 165 -10.58 -11.23 2.58
C PRO A 165 -10.07 -12.43 3.37
N LYS A 166 -10.70 -13.60 3.28
CA LYS A 166 -10.15 -14.76 3.96
C LYS A 166 -8.81 -15.19 3.38
N ASN A 167 -8.49 -14.78 2.15
CA ASN A 167 -7.16 -14.96 1.59
C ASN A 167 -6.36 -13.67 1.61
N PHE A 168 -6.83 -12.65 2.34
CA PHE A 168 -6.09 -11.42 2.60
C PHE A 168 -5.78 -10.65 1.31
N TRP A 169 -6.73 -10.60 0.37
CA TRP A 169 -6.54 -9.73 -0.78
C TRP A 169 -7.88 -9.29 -1.36
N ASN A 170 -7.87 -8.11 -1.98
CA ASN A 170 -9.00 -7.52 -2.68
C ASN A 170 -8.46 -6.76 -3.87
N GLY A 171 -9.28 -6.64 -4.90
CA GLY A 171 -8.90 -5.82 -6.04
C GLY A 171 -10.10 -5.21 -6.72
N ARG A 172 -9.90 -4.07 -7.36
CA ARG A 172 -10.96 -3.42 -8.10
C ARG A 172 -10.40 -2.72 -9.34
N TRP A 173 -11.13 -2.85 -10.44
CA TRP A 173 -10.93 -2.10 -11.67
C TRP A 173 -12.05 -1.08 -11.80
N ARG A 174 -11.71 0.15 -12.15
CA ARG A 174 -12.68 1.17 -12.50
C ARG A 174 -12.26 1.84 -13.80
N SER A 175 -13.22 2.11 -14.68
CA SER A 175 -12.90 2.95 -15.84
C SER A 175 -14.07 3.89 -16.11
N GLU A 176 -13.74 5.10 -16.56
CA GLU A 176 -14.72 6.15 -16.76
C GLU A 176 -14.44 6.81 -18.10
N TRP A 177 -15.40 6.70 -19.03
CA TRP A 177 -15.26 7.17 -20.40
C TRP A 177 -16.26 8.30 -20.67
N LYS A 178 -15.75 9.41 -21.22
CA LYS A 178 -16.58 10.56 -21.58
C LYS A 178 -16.48 10.85 -23.07
N PHE A 179 -17.62 10.89 -23.73
CA PHE A 179 -17.69 11.22 -25.15
C PHE A 179 -18.46 12.54 -25.25
N THR A 180 -17.74 13.61 -25.51
CA THR A 180 -18.31 14.94 -25.69
C THR A 180 -18.64 15.10 -27.17
N ILE A 181 -19.91 15.30 -27.48
CA ILE A 181 -20.37 15.25 -28.87
C ILE A 181 -20.18 16.62 -29.52
N THR A 182 -19.35 16.65 -30.56
CA THR A 182 -19.07 17.86 -31.34
C THR A 182 -19.05 17.46 -32.81
N PRO A 183 -20.22 17.13 -33.38
CA PRO A 183 -20.28 16.50 -34.73
C PRO A 183 -19.46 17.28 -35.76
N PRO A 184 -18.82 16.58 -36.71
CA PRO A 184 -18.96 15.15 -37.01
C PRO A 184 -18.07 14.23 -36.17
N THR A 185 -17.43 14.76 -35.14
CA THR A 185 -16.57 13.96 -34.27
C THR A 185 -17.06 14.02 -32.83
N ALA A 186 -16.28 13.40 -31.96
CA ALA A 186 -16.49 13.52 -30.53
C ALA A 186 -15.16 13.35 -29.86
N GLN A 187 -14.89 14.21 -28.87
CA GLN A 187 -13.70 14.08 -28.06
C GLN A 187 -13.93 12.96 -27.05
N VAL A 188 -12.95 12.07 -26.93
CA VAL A 188 -13.02 10.95 -26.00
C VAL A 188 -11.96 11.16 -24.94
N ALA A 189 -12.39 11.27 -23.69
CA ALA A 189 -11.50 11.37 -22.54
C ALA A 189 -11.86 10.26 -21.58
N ALA A 190 -10.85 9.60 -21.02
CA ALA A 190 -11.12 8.48 -20.14
C ALA A 190 -10.00 8.33 -19.13
N VAL A 191 -10.34 7.75 -17.98
CA VAL A 191 -9.35 7.36 -16.99
C VAL A 191 -9.65 5.93 -16.55
N LEU A 192 -8.61 5.10 -16.53
CA LEU A 192 -8.66 3.71 -16.13
C LEU A 192 -7.90 3.58 -14.82
N LYS A 193 -8.45 2.84 -13.87
CA LYS A 193 -7.84 2.75 -12.54
C LYS A 193 -7.83 1.31 -12.08
N ILE A 194 -6.75 0.91 -11.42
CA ILE A 194 -6.67 -0.40 -10.77
C ILE A 194 -6.12 -0.21 -9.38
N GLN A 195 -6.67 -0.94 -8.42
CA GLN A 195 -6.13 -1.00 -7.08
C GLN A 195 -6.17 -2.45 -6.60
N VAL A 196 -5.05 -2.94 -6.10
CA VAL A 196 -4.96 -4.30 -5.57
C VAL A 196 -4.27 -4.21 -4.20
N HIS A 197 -4.79 -4.95 -3.23
CA HIS A 197 -4.28 -4.91 -1.87
C HIS A 197 -4.08 -6.34 -1.37
N TYR A 198 -2.87 -6.65 -0.95
CA TYR A 198 -2.54 -7.95 -0.37
C TYR A 198 -2.00 -7.71 1.02
N TYR A 199 -2.50 -8.47 2.01
CA TYR A 199 -2.19 -8.12 3.40
C TYR A 199 -2.07 -9.34 4.31
N GLU A 200 -1.62 -10.47 3.79
CA GLU A 200 -1.25 -11.59 4.66
C GLU A 200 0.18 -11.37 5.13
N ASP A 201 0.35 -11.15 6.44
CA ASP A 201 1.64 -10.83 7.04
C ASP A 201 2.36 -9.73 6.27
N GLY A 202 1.63 -8.67 5.96
CA GLY A 202 2.21 -7.58 5.19
C GLY A 202 1.13 -6.62 4.71
N ASN A 203 1.57 -5.68 3.87
CA ASN A 203 0.66 -4.72 3.24
C ASN A 203 1.31 -4.30 1.93
N VAL A 204 0.84 -4.89 0.83
CA VAL A 204 1.33 -4.61 -0.51
C VAL A 204 0.15 -4.09 -1.32
N GLN A 205 0.37 -3.00 -2.04
CA GLN A 205 -0.70 -2.42 -2.84
C GLN A 205 -0.16 -1.99 -4.20
N LEU A 206 -0.90 -2.36 -5.22
CA LEU A 206 -0.77 -1.79 -6.56
C LEU A 206 -1.75 -0.63 -6.70
N VAL A 207 -1.24 0.51 -7.14
CA VAL A 207 -2.08 1.63 -7.57
C VAL A 207 -1.66 1.99 -8.99
N SER A 208 -2.62 1.98 -9.90
CA SER A 208 -2.32 2.25 -11.31
C SER A 208 -3.44 3.08 -11.89
N HIS A 209 -3.10 4.03 -12.76
CA HIS A 209 -4.12 4.69 -13.57
C HIS A 209 -3.51 5.10 -14.90
N LYS A 210 -4.38 5.20 -15.91
CA LYS A 210 -3.99 5.63 -17.23
C LYS A 210 -5.05 6.57 -17.77
N ASP A 211 -4.61 7.70 -18.31
CA ASP A 211 -5.50 8.68 -18.93
C ASP A 211 -5.53 8.46 -20.43
N ILE A 212 -6.73 8.54 -21.02
CA ILE A 212 -6.95 8.29 -22.43
C ILE A 212 -7.51 9.57 -23.06
N GLN A 213 -6.99 9.93 -24.23
CA GLN A 213 -7.56 10.98 -25.06
C GLN A 213 -7.66 10.44 -26.47
N ASP A 214 -8.87 10.42 -27.02
CA ASP A 214 -9.07 9.93 -28.38
C ASP A 214 -10.14 10.78 -29.04
N SER A 215 -10.45 10.42 -30.28
CA SER A 215 -11.51 11.05 -31.06
C SER A 215 -12.26 9.96 -31.80
N VAL A 216 -13.45 10.29 -32.29
CA VAL A 216 -14.26 9.33 -33.03
C VAL A 216 -15.27 10.11 -33.87
N GLN A 217 -15.42 9.69 -35.11
CA GLN A 217 -16.49 10.20 -35.95
C GLN A 217 -17.84 9.70 -35.43
N VAL A 218 -18.83 10.59 -35.38
CA VAL A 218 -20.15 10.24 -34.87
C VAL A 218 -21.16 10.31 -36.00
N SER A 219 -22.18 9.47 -35.90
CA SER A 219 -23.24 9.43 -36.91
C SER A 219 -24.55 9.02 -36.24
N SER A 220 -25.05 7.83 -36.57
CA SER A 220 -26.25 7.35 -35.92
C SER A 220 -25.96 6.92 -34.48
N ASP A 221 -27.01 6.90 -33.67
CA ASP A 221 -26.84 6.50 -32.27
C ASP A 221 -26.30 5.07 -32.17
N VAL A 222 -26.86 4.15 -32.97
CA VAL A 222 -26.46 2.75 -32.86
C VAL A 222 -25.05 2.55 -33.40
N GLN A 223 -24.69 3.22 -34.50
CA GLN A 223 -23.36 3.02 -35.07
C GLN A 223 -22.30 3.69 -34.22
N THR A 224 -22.61 4.85 -33.64
CA THR A 224 -21.62 5.52 -32.80
C THR A 224 -21.37 4.74 -31.52
N ALA A 225 -22.42 4.14 -30.95
CA ALA A 225 -22.23 3.29 -29.78
C ALA A 225 -21.29 2.13 -30.10
N LYS A 226 -21.42 1.54 -31.30
CA LYS A 226 -20.49 0.49 -31.70
C LYS A 226 -19.06 1.02 -31.77
N GLU A 227 -18.88 2.21 -32.35
CA GLU A 227 -17.54 2.79 -32.44
C GLU A 227 -16.99 3.12 -31.06
N PHE A 228 -17.83 3.68 -30.19
CA PHE A 228 -17.44 3.96 -28.80
C PHE A 228 -16.89 2.70 -28.14
N ILE A 229 -17.66 1.62 -28.17
CA ILE A 229 -17.28 0.40 -27.47
C ILE A 229 -16.03 -0.20 -28.08
N LYS A 230 -15.86 -0.07 -29.40
CA LYS A 230 -14.62 -0.54 -30.02
C LYS A 230 -13.41 0.21 -29.48
N ILE A 231 -13.55 1.52 -29.25
CA ILE A 231 -12.47 2.33 -28.70
C ILE A 231 -12.16 1.94 -27.26
N ILE A 232 -13.21 1.73 -26.47
CA ILE A 232 -13.05 1.26 -25.09
C ILE A 232 -12.29 -0.07 -25.07
N GLU A 233 -12.78 -1.04 -25.86
CA GLU A 233 -12.17 -2.35 -25.88
C GLU A 233 -10.69 -2.27 -26.23
N ASN A 234 -10.36 -1.48 -27.24
CA ASN A 234 -8.97 -1.37 -27.67
C ASN A 234 -8.08 -0.80 -26.56
N ALA A 235 -8.53 0.30 -25.94
CA ALA A 235 -7.71 0.94 -24.91
C ALA A 235 -7.61 0.09 -23.65
N GLU A 236 -8.69 -0.60 -23.27
CA GLU A 236 -8.64 -1.38 -22.04
C GLU A 236 -7.84 -2.66 -22.22
N ASN A 237 -7.99 -3.34 -23.36
CA ASN A 237 -7.10 -4.47 -23.66
C ASN A 237 -5.64 -4.03 -23.66
N GLU A 238 -5.36 -2.88 -24.28
CA GLU A 238 -3.97 -2.42 -24.40
C GLU A 238 -3.40 -2.10 -23.03
N TYR A 239 -4.17 -1.40 -22.20
CA TYR A 239 -3.78 -1.09 -20.82
C TYR A 239 -3.47 -2.36 -20.04
N GLN A 240 -4.37 -3.36 -20.12
CA GLN A 240 -4.18 -4.57 -19.33
C GLN A 240 -2.97 -5.37 -19.81
N THR A 241 -2.74 -5.41 -21.12
CA THR A 241 -1.57 -6.10 -21.63
C THR A 241 -0.28 -5.43 -21.16
N ALA A 242 -0.22 -4.10 -21.28
CA ALA A 242 0.98 -3.37 -20.89
C ALA A 242 1.27 -3.48 -19.39
N ILE A 243 0.24 -3.58 -18.57
CA ILE A 243 0.47 -3.79 -17.13
C ILE A 243 1.21 -5.10 -16.89
N SER A 244 0.82 -6.16 -17.61
CA SER A 244 1.47 -7.45 -17.44
C SER A 244 2.89 -7.46 -18.02
N GLU A 245 3.11 -6.79 -19.14
CA GLU A 245 4.48 -6.65 -19.63
C GLU A 245 5.32 -5.87 -18.62
N ASN A 246 4.73 -4.85 -18.00
CA ASN A 246 5.47 -4.01 -17.07
C ASN A 246 5.82 -4.77 -15.79
N TYR A 247 4.90 -5.60 -15.30
CA TYR A 247 5.21 -6.53 -14.22
C TYR A 247 6.45 -7.36 -14.56
N GLN A 248 6.49 -7.92 -15.77
CA GLN A 248 7.61 -8.78 -16.15
C GLN A 248 8.91 -8.00 -16.14
N THR A 249 8.89 -6.78 -16.65
CA THR A 249 10.09 -5.94 -16.65
C THR A 249 10.55 -5.61 -15.23
N MET A 250 9.62 -5.18 -14.38
CA MET A 250 9.94 -4.94 -12.97
C MET A 250 10.57 -6.17 -12.33
N SER A 251 10.08 -7.36 -12.69
CA SER A 251 10.55 -8.58 -12.09
C SER A 251 12.00 -8.89 -12.49
N ASP A 252 12.29 -8.94 -13.79
CA ASP A 252 13.61 -9.39 -14.20
C ASP A 252 14.60 -8.25 -14.44
N THR A 253 14.18 -6.99 -14.31
CA THR A 253 15.16 -5.90 -14.37
C THR A 253 15.37 -5.28 -13.00
N THR A 254 14.41 -4.50 -12.52
CA THR A 254 14.61 -3.70 -11.31
C THR A 254 14.77 -4.60 -10.09
N PHE A 255 13.86 -5.55 -9.89
CA PHE A 255 13.91 -6.38 -8.70
C PHE A 255 15.19 -7.20 -8.66
N LYS A 256 15.59 -7.77 -9.80
CA LYS A 256 16.82 -8.56 -9.82
C LYS A 256 18.03 -7.70 -9.47
N ALA A 257 18.03 -6.44 -9.92
CA ALA A 257 19.15 -5.55 -9.65
C ALA A 257 19.22 -5.09 -8.19
N LEU A 258 18.10 -5.08 -7.47
CA LEU A 258 18.13 -4.57 -6.10
C LEU A 258 18.92 -5.49 -5.17
N ARG A 259 18.79 -6.80 -5.32
CA ARG A 259 19.51 -7.72 -4.46
C ARG A 259 19.72 -9.04 -5.20
N ARG A 260 20.90 -9.61 -5.05
CA ARG A 260 21.18 -10.90 -5.66
C ARG A 260 20.45 -12.01 -4.89
N GLN A 261 20.26 -13.15 -5.56
CA GLN A 261 19.73 -14.31 -4.85
C GLN A 261 20.79 -14.94 -3.96
N LEU A 262 22.04 -14.97 -4.42
CA LEU A 262 23.17 -15.51 -3.69
C LEU A 262 24.41 -14.70 -4.04
N PRO A 263 25.43 -14.72 -3.18
CA PRO A 263 26.72 -14.13 -3.58
C PRO A 263 27.28 -14.86 -4.79
N VAL A 264 28.30 -14.25 -5.41
CA VAL A 264 28.88 -14.79 -6.63
C VAL A 264 29.43 -16.20 -6.43
N THR A 265 29.73 -16.58 -5.19
CA THR A 265 30.15 -17.95 -4.89
C THR A 265 29.08 -18.98 -5.20
N ARG A 266 27.84 -18.56 -5.46
CA ARG A 266 26.70 -19.48 -5.60
CA ARG A 266 26.70 -19.48 -5.60
C ARG A 266 26.49 -20.32 -4.34
N THR A 267 26.92 -19.79 -3.20
CA THR A 267 26.63 -20.43 -1.92
C THR A 267 26.45 -19.34 -0.86
N LYS A 268 25.79 -19.72 0.24
CA LYS A 268 25.55 -18.75 1.28
C LYS A 268 26.87 -18.40 1.98
N ILE A 269 26.79 -17.36 2.82
CA ILE A 269 27.98 -16.76 3.40
C ILE A 269 28.59 -17.68 4.46
N ASP A 270 29.92 -17.74 4.49
CA ASP A 270 30.64 -18.40 5.58
C ASP A 270 30.82 -17.37 6.69
N TRP A 271 29.98 -17.46 7.73
CA TRP A 271 29.96 -16.41 8.72
C TRP A 271 31.15 -16.46 9.67
N ASN A 272 31.98 -17.50 9.61
CA ASN A 272 33.25 -17.46 10.33
C ASN A 272 34.33 -16.77 9.52
N LYS A 273 34.28 -16.86 8.18
CA LYS A 273 35.25 -16.14 7.37
C LYS A 273 34.92 -14.65 7.31
N ILE A 274 33.64 -14.28 7.45
CA ILE A 274 33.26 -12.88 7.47
C ILE A 274 33.92 -12.15 8.62
N LEU A 275 34.00 -12.79 9.79
CA LEU A 275 34.63 -12.19 10.95
C LEU A 275 36.16 -12.19 10.81
N SER A 276 36.71 -13.21 10.17
CA SER A 276 38.13 -13.29 9.81
C SER A 276 39.06 -12.96 10.97
N ASP B 3 -9.34 -2.03 25.81
CA ASP B 3 -8.99 -0.91 24.95
C ASP B 3 -8.19 -1.38 23.74
N GLN B 4 -8.84 -1.35 22.57
CA GLN B 4 -8.25 -1.89 21.35
C GLN B 4 -7.72 -0.80 20.41
N GLN B 5 -7.42 0.40 20.92
CA GLN B 5 -7.01 1.50 20.04
CA GLN B 5 -7.05 1.45 19.97
C GLN B 5 -5.68 1.18 19.34
N LEU B 6 -4.72 0.60 20.06
CA LEU B 6 -3.46 0.26 19.42
C LEU B 6 -3.66 -0.86 18.39
N ASP B 7 -4.50 -1.84 18.71
CA ASP B 7 -4.83 -2.88 17.75
C ASP B 7 -5.46 -2.29 16.50
N CYS B 8 -6.42 -1.38 16.68
CA CYS B 8 -7.06 -0.71 15.54
C CYS B 8 -6.07 0.13 14.77
N ALA B 9 -5.15 0.80 15.47
CA ALA B 9 -4.16 1.63 14.79
C ALA B 9 -3.23 0.78 13.93
N LEU B 10 -2.77 -0.37 14.45
CA LEU B 10 -1.93 -1.23 13.65
C LEU B 10 -2.72 -1.83 12.49
N ASP B 11 -3.97 -2.24 12.74
CA ASP B 11 -4.82 -2.73 11.66
C ASP B 11 -4.94 -1.68 10.56
N LEU B 12 -5.14 -0.43 10.94
CA LEU B 12 -5.24 0.65 9.97
C LEU B 12 -3.99 0.74 9.10
N MET B 13 -2.80 0.64 9.72
CA MET B 13 -1.58 0.74 8.94
C MET B 13 -1.39 -0.45 8.01
N ARG B 14 -2.07 -1.56 8.26
CA ARG B 14 -2.07 -2.69 7.33
C ARG B 14 -2.97 -2.49 6.12
N ARG B 15 -3.82 -1.46 6.13
CA ARG B 15 -4.80 -1.26 5.06
C ARG B 15 -4.60 0.03 4.28
N LEU B 16 -4.18 1.12 4.92
CA LEU B 16 -3.96 2.36 4.18
C LEU B 16 -2.79 2.17 3.20
N PRO B 17 -2.80 2.87 2.07
CA PRO B 17 -1.76 2.66 1.04
C PRO B 17 -0.36 2.84 1.59
N PRO B 18 0.52 1.84 1.42
CA PRO B 18 1.87 1.98 1.95
C PRO B 18 2.69 3.03 1.22
N GLN B 19 2.23 3.48 0.06
CA GLN B 19 2.86 4.62 -0.60
C GLN B 19 2.91 5.86 0.31
N GLN B 20 1.94 6.01 1.22
CA GLN B 20 1.87 7.13 2.15
C GLN B 20 2.16 6.74 3.60
N ILE B 21 3.07 5.78 3.85
CA ILE B 21 3.28 5.31 5.23
C ILE B 21 3.66 6.46 6.16
N GLU B 22 4.62 7.28 5.74
CA GLU B 22 5.10 8.33 6.63
C GLU B 22 3.98 9.29 6.97
N LYS B 23 3.22 9.73 5.96
CA LYS B 23 2.15 10.69 6.19
C LYS B 23 1.04 10.10 7.04
N ASN B 24 0.72 8.83 6.84
CA ASN B 24 -0.39 8.28 7.62
C ASN B 24 0.00 8.00 9.05
N LEU B 25 1.27 7.65 9.30
CA LEU B 25 1.68 7.50 10.69
C LEU B 25 1.63 8.82 11.44
N SER B 26 2.09 9.91 10.81
CA SER B 26 2.00 11.20 11.49
C SER B 26 0.54 11.63 11.66
N ASP B 27 -0.28 11.42 10.64
CA ASP B 27 -1.72 11.66 10.81
C ASP B 27 -2.28 10.82 11.95
N LEU B 28 -1.88 9.56 12.02
CA LEU B 28 -2.41 8.66 13.04
C LEU B 28 -2.02 9.12 14.44
N ILE B 29 -0.80 9.61 14.59
CA ILE B 29 -0.37 10.11 15.90
C ILE B 29 -1.10 11.40 16.24
N ASP B 30 -1.36 12.26 15.25
CA ASP B 30 -2.25 13.38 15.50
C ASP B 30 -3.62 12.92 15.95
N LEU B 31 -4.10 11.80 15.39
CA LEU B 31 -5.42 11.30 15.73
C LEU B 31 -5.46 10.77 17.16
N VAL B 32 -4.45 10.03 17.58
CA VAL B 32 -4.41 9.48 18.94
C VAL B 32 -3.04 9.71 19.56
N PRO B 33 -2.77 10.90 20.10
CA PRO B 33 -1.41 11.17 20.61
C PRO B 33 -0.96 10.24 21.72
N SER B 34 -1.88 9.64 22.48
N SER B 34 -1.88 9.63 22.46
CA SER B 34 -1.46 8.75 23.57
CA SER B 34 -1.49 8.75 23.55
C SER B 34 -0.78 7.50 23.05
C SER B 34 -0.77 7.50 23.06
N LEU B 35 -0.91 7.16 21.77
CA LEU B 35 -0.30 5.98 21.19
C LEU B 35 1.03 6.27 20.50
N CYS B 36 1.56 7.49 20.62
CA CYS B 36 2.74 7.88 19.86
C CYS B 36 3.90 6.90 20.06
N GLU B 37 4.30 6.67 21.32
CA GLU B 37 5.48 5.86 21.58
C GLU B 37 5.28 4.42 21.13
N ASP B 38 4.05 3.89 21.27
CA ASP B 38 3.78 2.52 20.84
C ASP B 38 3.79 2.42 19.32
N LEU B 39 3.31 3.44 18.64
CA LEU B 39 3.25 3.42 17.18
C LEU B 39 4.64 3.61 16.55
N LEU B 40 5.45 4.49 17.13
CA LEU B 40 6.81 4.68 16.61
C LEU B 40 7.64 3.42 16.72
N SER B 41 7.34 2.56 17.70
CA SER B 41 8.12 1.36 17.92
C SER B 41 7.58 0.13 17.19
N SER B 42 6.33 0.17 16.72
CA SER B 42 5.73 -0.98 16.07
C SER B 42 5.35 -0.74 14.61
N VAL B 43 5.45 0.48 14.11
CA VAL B 43 5.11 0.78 12.73
C VAL B 43 6.41 1.04 11.96
N ASP B 44 6.76 0.12 11.07
CA ASP B 44 7.94 0.30 10.24
C ASP B 44 7.71 1.41 9.23
N GLN B 45 8.74 2.21 9.03
CA GLN B 45 8.72 3.31 8.09
C GLN B 45 9.90 3.17 7.15
N PRO B 46 9.81 3.71 5.94
CA PRO B 46 10.97 3.73 5.06
C PRO B 46 12.20 4.29 5.78
N LEU B 47 13.34 3.67 5.56
CA LEU B 47 14.57 4.11 6.20
C LEU B 47 15.07 5.39 5.55
N LYS B 48 15.62 6.29 6.38
CA LYS B 48 16.24 7.51 5.87
C LYS B 48 17.74 7.44 6.07
N ILE B 49 18.48 8.12 5.20
CA ILE B 49 19.94 8.15 5.28
C ILE B 49 20.39 9.44 5.93
N ALA B 50 21.34 9.34 6.86
CA ALA B 50 21.99 10.49 7.46
C ALA B 50 23.51 10.36 7.27
N ARG B 51 24.20 11.48 7.48
CA ARG B 51 25.63 11.54 7.22
C ARG B 51 26.39 11.70 8.54
N ASP B 52 27.27 10.75 8.84
CA ASP B 52 28.19 10.86 9.96
C ASP B 52 29.37 11.67 9.43
N LYS B 53 29.38 12.97 9.74
CA LYS B 53 30.43 13.84 9.21
C LYS B 53 31.77 13.54 9.85
N VAL B 54 31.77 13.00 11.07
CA VAL B 54 33.03 12.70 11.76
C VAL B 54 33.81 11.62 11.03
N VAL B 55 33.16 10.52 10.68
CA VAL B 55 33.83 9.44 9.96
C VAL B 55 33.61 9.52 8.45
N GLY B 56 32.72 10.40 7.99
CA GLY B 56 32.42 10.45 6.58
C GLY B 56 31.73 9.22 6.03
N LYS B 57 30.71 8.70 6.74
CA LYS B 57 29.97 7.54 6.28
CA LYS B 57 29.97 7.54 6.28
C LYS B 57 28.48 7.80 6.45
N ASP B 58 27.68 7.13 5.62
CA ASP B 58 26.24 7.20 5.75
C ASP B 58 25.78 6.20 6.79
N TYR B 59 24.67 6.54 7.44
CA TYR B 59 24.03 5.60 8.33
C TYR B 59 22.52 5.78 8.22
N LEU B 60 21.78 4.81 8.75
CA LEU B 60 20.36 4.71 8.52
C LEU B 60 19.58 5.06 9.79
N LEU B 61 18.44 5.73 9.61
CA LEU B 61 17.65 6.28 10.70
C LEU B 61 16.40 5.44 10.89
N CYS B 62 16.15 5.04 12.14
CA CYS B 62 14.89 4.40 12.54
C CYS B 62 14.62 4.75 14.00
N ASP B 63 13.49 4.26 14.54
CA ASP B 63 13.16 4.60 15.92
C ASP B 63 14.15 4.00 16.91
N TYR B 64 14.80 2.89 16.57
CA TYR B 64 15.65 2.21 17.54
C TYR B 64 16.94 2.98 17.84
N ASN B 65 17.45 3.77 16.88
CA ASN B 65 18.63 4.58 17.17
C ASN B 65 18.28 6.05 17.40
N ARG B 66 17.02 6.34 17.73
CA ARG B 66 16.58 7.71 17.99
C ARG B 66 16.50 7.95 19.50
N ASP B 67 16.90 9.13 19.92
CA ASP B 67 16.69 9.59 21.29
C ASP B 67 16.21 11.03 21.21
N GLY B 68 14.94 11.25 21.53
CA GLY B 68 14.33 12.55 21.32
C GLY B 68 14.28 12.92 19.86
N ASP B 69 14.95 14.01 19.49
CA ASP B 69 15.08 14.43 18.10
C ASP B 69 16.46 14.15 17.52
N SER B 70 17.29 13.36 18.19
CA SER B 70 18.61 13.03 17.69
C SER B 70 18.70 11.57 17.33
N TYR B 71 19.72 11.23 16.54
CA TYR B 71 19.94 9.86 16.10
C TYR B 71 21.38 9.46 16.33
N ARG B 72 21.59 8.21 16.73
CA ARG B 72 22.93 7.72 17.05
C ARG B 72 23.57 7.10 15.82
N SER B 73 24.81 7.50 15.54
CA SER B 73 25.56 6.89 14.44
C SER B 73 26.22 5.59 14.91
N PRO B 74 26.15 4.53 14.09
CA PRO B 74 26.83 3.27 14.45
C PRO B 74 28.34 3.33 14.27
N TRP B 75 28.85 4.34 13.56
CA TRP B 75 30.28 4.47 13.31
C TRP B 75 30.99 5.18 14.46
N SER B 76 30.52 6.39 14.80
CA SER B 76 31.12 7.20 15.85
C SER B 76 30.51 6.99 17.22
N ASN B 77 29.32 6.37 17.30
CA ASN B 77 28.61 6.18 18.57
C ASN B 77 28.21 7.52 19.20
N LYS B 78 27.96 8.53 18.38
CA LYS B 78 27.57 9.85 18.83
C LYS B 78 26.22 10.24 18.24
N TYR B 79 25.49 11.08 18.97
CA TYR B 79 24.20 11.57 18.53
C TYR B 79 24.34 12.82 17.69
N ASP B 80 23.42 12.98 16.74
CA ASP B 80 23.32 14.18 15.93
C ASP B 80 21.83 14.53 15.81
N PRO B 81 21.42 15.74 16.23
CA PRO B 81 22.22 16.76 16.91
C PRO B 81 22.76 16.27 18.24
N PRO B 82 23.85 16.88 18.72
CA PRO B 82 24.52 16.34 19.90
C PRO B 82 23.59 16.27 21.10
N LEU B 83 23.71 15.18 21.84
CA LEU B 83 22.97 14.95 23.08
C LEU B 83 23.97 14.71 24.19
N GLU B 84 23.69 15.27 25.38
CA GLU B 84 24.66 15.13 26.45
C GLU B 84 24.63 13.75 27.10
N ASP B 85 23.46 13.12 27.18
CA ASP B 85 23.34 11.82 27.82
C ASP B 85 22.37 10.94 27.03
N GLY B 86 22.65 10.79 25.74
CA GLY B 86 21.81 9.96 24.90
C GLY B 86 22.01 8.48 25.19
N ALA B 87 20.97 7.70 24.90
CA ALA B 87 21.01 6.27 25.13
C ALA B 87 22.13 5.63 24.30
N MET B 88 22.98 4.86 24.96
CA MET B 88 24.07 4.15 24.32
C MET B 88 24.13 2.72 24.83
N PRO B 89 24.65 1.80 24.03
CA PRO B 89 24.88 0.44 24.52
C PRO B 89 25.97 0.40 25.58
N SER B 90 25.95 -0.67 26.38
CA SER B 90 27.03 -0.88 27.34
C SER B 90 28.36 -1.02 26.59
N ALA B 91 29.45 -0.89 27.33
CA ALA B 91 30.77 -0.96 26.72
C ALA B 91 30.98 -2.30 26.00
N ARG B 92 30.66 -3.40 26.68
CA ARG B 92 30.80 -4.71 26.03
C ARG B 92 29.87 -4.86 24.84
N LEU B 93 28.62 -4.42 24.99
CA LEU B 93 27.69 -4.52 23.88
C LEU B 93 28.13 -3.65 22.71
N ARG B 94 28.64 -2.45 22.99
CA ARG B 94 29.15 -1.59 21.94
C ARG B 94 30.25 -2.29 21.13
N LYS B 95 31.09 -3.09 21.79
CA LYS B 95 32.12 -3.80 21.05
C LYS B 95 31.51 -4.82 20.10
N LEU B 96 30.46 -5.53 20.55
CA LEU B 96 29.73 -6.43 19.66
C LEU B 96 29.06 -5.67 18.53
N GLU B 97 28.56 -4.47 18.82
CA GLU B 97 27.87 -3.66 17.81
C GLU B 97 28.82 -3.24 16.70
N VAL B 98 30.05 -2.83 17.06
CA VAL B 98 31.04 -2.47 16.06
C VAL B 98 31.33 -3.67 15.16
N GLU B 99 31.56 -4.83 15.77
CA GLU B 99 31.80 -6.05 15.01
C GLU B 99 30.62 -6.38 14.11
N ALA B 100 29.40 -6.21 14.62
CA ALA B 100 28.22 -6.51 13.82
C ALA B 100 28.11 -5.59 12.61
N ASN B 101 28.40 -4.30 12.82
CA ASN B 101 28.35 -3.36 11.71
C ASN B 101 29.35 -3.72 10.63
N ASN B 102 30.55 -4.15 11.03
CA ASN B 102 31.53 -4.58 10.04
C ASN B 102 31.06 -5.83 9.32
N ALA B 103 30.53 -6.81 10.07
CA ALA B 103 30.07 -8.04 9.44
C ALA B 103 28.94 -7.76 8.44
N PHE B 104 27.96 -6.95 8.85
CA PHE B 104 26.84 -6.73 7.95
C PHE B 104 27.15 -5.72 6.85
N ASP B 105 28.19 -4.90 7.02
CA ASP B 105 28.70 -4.13 5.88
C ASP B 105 29.19 -5.07 4.79
N GLN B 106 29.88 -6.15 5.16
CA GLN B 106 30.34 -7.13 4.17
C GLN B 106 29.16 -7.90 3.58
N TYR B 107 28.22 -8.31 4.42
CA TYR B 107 26.98 -8.95 3.96
C TYR B 107 26.26 -8.07 2.93
N ARG B 108 26.13 -6.78 3.24
CA ARG B 108 25.52 -5.84 2.32
C ARG B 108 26.23 -5.85 0.97
N ASP B 109 27.56 -5.72 0.97
CA ASP B 109 28.28 -5.70 -0.29
C ASP B 109 28.08 -7.01 -1.05
N LEU B 110 28.05 -8.13 -0.34
CA LEU B 110 27.97 -9.42 -1.02
C LEU B 110 26.61 -9.62 -1.69
N TYR B 111 25.53 -9.26 -1.00
CA TYR B 111 24.18 -9.48 -1.54
C TYR B 111 23.65 -8.29 -2.33
N PHE B 112 23.94 -7.05 -1.93
CA PHE B 112 23.32 -5.90 -2.56
C PHE B 112 24.28 -5.13 -3.46
N GLU B 113 25.59 -5.32 -3.30
CA GLU B 113 26.61 -4.73 -4.17
C GLU B 113 26.50 -3.22 -4.21
N GLY B 114 26.17 -2.62 -3.07
CA GLY B 114 25.82 -1.21 -3.02
C GLY B 114 24.94 -0.94 -1.81
N GLY B 115 24.31 0.23 -1.83
CA GLY B 115 23.44 0.55 -0.72
C GLY B 115 24.19 0.88 0.56
N VAL B 116 23.44 0.89 1.66
CA VAL B 116 23.92 1.31 2.98
C VAL B 116 23.37 0.35 4.03
N SER B 117 24.19 0.00 5.01
CA SER B 117 23.72 -0.75 6.17
C SER B 117 24.00 -0.02 7.48
N SER B 118 23.26 -0.40 8.52
CA SER B 118 23.53 0.01 9.88
C SER B 118 23.01 -1.05 10.83
N VAL B 119 23.72 -1.26 11.92
CA VAL B 119 23.27 -2.16 12.98
C VAL B 119 23.33 -1.41 14.31
N TYR B 120 22.26 -1.52 15.10
CA TYR B 120 22.19 -0.92 16.43
C TYR B 120 21.78 -1.99 17.42
N LEU B 121 22.54 -2.13 18.51
CA LEU B 121 22.23 -3.07 19.57
C LEU B 121 21.84 -2.32 20.83
N TRP B 122 21.09 -2.99 21.71
CA TRP B 122 20.76 -2.42 23.00
C TRP B 122 20.60 -3.53 24.04
N ASP B 123 21.01 -3.20 25.28
CA ASP B 123 21.04 -4.20 26.34
C ASP B 123 19.63 -4.53 26.81
N LEU B 124 19.41 -5.81 27.12
CA LEU B 124 18.21 -6.28 27.80
C LEU B 124 18.60 -6.92 29.13
N ASP B 125 17.59 -7.22 29.95
CA ASP B 125 17.87 -7.73 31.29
C ASP B 125 18.66 -9.03 31.23
N HIS B 126 18.26 -9.96 30.38
CA HIS B 126 18.89 -11.28 30.32
C HIS B 126 19.47 -11.57 28.94
N GLY B 127 19.94 -10.54 28.25
CA GLY B 127 20.52 -10.69 26.93
C GLY B 127 20.64 -9.35 26.23
N PHE B 128 20.26 -9.31 24.96
CA PHE B 128 20.27 -8.05 24.22
C PHE B 128 19.36 -8.19 22.99
N ALA B 129 19.13 -7.07 22.35
CA ALA B 129 18.42 -7.05 21.08
C ALA B 129 19.20 -6.16 20.12
N GLY B 130 18.79 -6.20 18.85
CA GLY B 130 19.41 -5.35 17.84
C GLY B 130 18.56 -5.25 16.61
N VAL B 131 18.84 -4.24 15.81
CA VAL B 131 18.21 -4.09 14.52
C VAL B 131 19.30 -4.06 13.47
N ILE B 132 19.07 -4.76 12.36
CA ILE B 132 19.97 -4.72 11.21
C ILE B 132 19.20 -4.07 10.08
N LEU B 133 19.72 -2.94 9.58
CA LEU B 133 19.07 -2.15 8.55
C LEU B 133 19.89 -2.13 7.27
N ILE B 134 19.22 -2.31 6.14
CA ILE B 134 19.83 -2.20 4.82
C ILE B 134 18.91 -1.39 3.92
N LYS B 135 19.48 -0.45 3.17
CA LYS B 135 18.72 0.32 2.19
C LYS B 135 19.46 0.31 0.85
N LYS B 136 18.73 0.03 -0.23
CA LYS B 136 19.33 -0.01 -1.56
C LYS B 136 18.31 0.55 -2.54
N ALA B 137 18.68 1.60 -3.27
CA ALA B 137 17.82 2.19 -4.30
C ALA B 137 18.22 1.66 -5.66
N GLY B 138 17.23 1.46 -6.53
CA GLY B 138 17.51 1.04 -7.88
C GLY B 138 18.10 2.15 -8.72
N ASP B 139 18.80 1.76 -9.79
CA ASP B 139 19.52 2.74 -10.59
C ASP B 139 18.63 3.56 -11.51
N GLY B 140 17.35 3.24 -11.62
CA GLY B 140 16.46 3.92 -12.55
C GLY B 140 16.36 3.34 -13.94
N SER B 141 16.92 2.15 -14.17
CA SER B 141 16.98 1.60 -15.51
C SER B 141 15.57 1.31 -16.07
N LYS B 142 15.43 1.42 -17.38
CA LYS B 142 14.17 1.18 -18.09
C LYS B 142 13.03 2.05 -17.56
N LYS B 143 13.39 3.20 -16.99
CA LYS B 143 12.46 4.19 -16.44
C LYS B 143 11.65 3.61 -15.27
N ILE B 144 12.28 2.74 -14.48
CA ILE B 144 11.67 2.18 -13.27
C ILE B 144 12.43 2.70 -12.07
N LYS B 145 11.73 3.33 -11.13
CA LYS B 145 12.30 3.65 -9.83
C LYS B 145 12.06 2.48 -8.89
N GLY B 146 13.11 2.04 -8.20
CA GLY B 146 13.02 0.93 -7.28
C GLY B 146 13.75 1.18 -5.99
N CYS B 147 13.21 0.71 -4.87
CA CYS B 147 13.92 0.83 -3.60
C CYS B 147 13.60 -0.38 -2.73
N TRP B 148 14.58 -0.74 -1.89
CA TRP B 148 14.52 -1.87 -0.97
C TRP B 148 14.97 -1.41 0.41
N ASP B 149 14.17 -1.71 1.44
CA ASP B 149 14.51 -1.46 2.84
C ASP B 149 14.39 -2.77 3.62
N SER B 150 15.47 -3.20 4.25
CA SER B 150 15.43 -4.34 5.18
C SER B 150 15.41 -3.82 6.60
N ILE B 151 14.56 -4.41 7.45
CA ILE B 151 14.55 -4.14 8.88
C ILE B 151 14.48 -5.49 9.61
N HIS B 152 15.59 -5.91 10.18
CA HIS B 152 15.71 -7.18 10.91
C HIS B 152 15.87 -6.86 12.38
N VAL B 153 14.93 -7.30 13.21
CA VAL B 153 14.98 -7.06 14.65
C VAL B 153 15.16 -8.40 15.34
N VAL B 154 16.28 -8.56 16.03
CA VAL B 154 16.62 -9.82 16.70
C VAL B 154 16.60 -9.59 18.21
N GLU B 155 16.08 -10.58 18.94
CA GLU B 155 16.12 -10.59 20.40
C GLU B 155 16.87 -11.83 20.86
N VAL B 156 17.83 -11.63 21.75
CA VAL B 156 18.77 -12.68 22.17
C VAL B 156 18.62 -12.86 23.67
N GLN B 157 18.21 -14.05 24.10
CA GLN B 157 18.05 -14.37 25.51
C GLN B 157 19.17 -15.32 25.90
N GLU B 158 20.08 -14.84 26.75
CA GLU B 158 21.25 -15.60 27.16
C GLU B 158 20.99 -16.35 28.46
N LYS B 159 21.63 -17.50 28.60
CA LYS B 159 21.52 -18.34 29.79
C LYS B 159 22.75 -18.16 30.69
N SER B 160 22.56 -18.45 31.99
CA SER B 160 23.69 -18.49 32.92
C SER B 160 24.78 -19.45 32.45
N SER B 161 24.40 -20.56 31.79
CA SER B 161 25.35 -21.54 31.31
C SER B 161 26.14 -21.09 30.09
N GLY B 162 25.64 -20.12 29.33
CA GLY B 162 26.36 -19.57 28.19
C GLY B 162 26.65 -20.54 27.06
N ARG B 163 26.08 -21.74 27.11
CA ARG B 163 26.24 -22.72 26.04
C ARG B 163 25.17 -22.61 24.96
N THR B 164 24.04 -21.98 25.27
CA THR B 164 22.91 -21.92 24.37
C THR B 164 22.21 -20.60 24.59
N ALA B 165 21.60 -20.07 23.53
CA ALA B 165 20.83 -18.84 23.64
C ALA B 165 19.61 -18.92 22.73
N HIS B 166 18.58 -18.20 23.10
CA HIS B 166 17.34 -18.17 22.33
C HIS B 166 17.32 -16.92 21.47
N TYR B 167 17.06 -17.10 20.18
CA TYR B 167 17.01 -16.01 19.20
C TYR B 167 15.61 -15.92 18.63
N LYS B 168 15.05 -14.72 18.63
CA LYS B 168 13.78 -14.44 17.96
C LYS B 168 14.04 -13.36 16.92
N LEU B 169 13.69 -13.64 15.68
CA LEU B 169 13.93 -12.71 14.59
C LEU B 169 12.59 -12.28 14.01
N THR B 170 12.38 -10.97 13.93
CA THR B 170 11.24 -10.39 13.21
C THR B 170 11.78 -9.52 12.09
N SER B 171 11.50 -9.89 10.85
CA SER B 171 12.09 -9.25 9.68
C SER B 171 11.03 -8.66 8.77
N THR B 172 11.24 -7.41 8.37
CA THR B 172 10.41 -6.72 7.40
C THR B 172 11.28 -6.26 6.24
N VAL B 173 10.83 -6.53 5.02
CA VAL B 173 11.41 -5.94 3.82
C VAL B 173 10.33 -5.11 3.16
N MET B 174 10.65 -3.85 2.88
CA MET B 174 9.80 -2.97 2.11
C MET B 174 10.37 -2.88 0.71
N LEU B 175 9.51 -3.06 -0.28
CA LEU B 175 9.91 -3.00 -1.68
C LEU B 175 8.99 -2.04 -2.41
N TRP B 176 9.58 -1.12 -3.16
CA TRP B 176 8.86 -0.04 -3.82
C TRP B 176 9.28 -0.01 -5.28
N LEU B 177 8.31 0.01 -6.18
CA LEU B 177 8.56 0.08 -7.60
C LEU B 177 7.55 1.03 -8.21
N GLN B 178 7.98 1.85 -9.16
CA GLN B 178 7.02 2.69 -9.86
C GLN B 178 7.54 3.06 -11.24
N THR B 179 6.60 3.19 -12.18
CA THR B 179 6.87 3.51 -13.57
C THR B 179 5.74 4.40 -14.09
N ASN B 180 6.06 5.18 -15.12
CA ASN B 180 5.06 5.96 -15.87
C ASN B 180 5.39 5.79 -17.35
N LYS B 181 4.59 4.98 -18.04
CA LYS B 181 4.83 4.62 -19.43
C LYS B 181 3.56 4.81 -20.24
N THR B 182 3.73 4.93 -21.55
CA THR B 182 2.59 5.19 -22.42
C THR B 182 1.64 4.01 -22.46
N GLY B 183 2.18 2.78 -22.44
CA GLY B 183 1.34 1.60 -22.46
C GLY B 183 0.55 1.36 -21.19
N SER B 184 1.23 1.29 -20.04
CA SER B 184 0.58 0.93 -18.78
C SER B 184 0.22 2.13 -17.93
N GLY B 185 0.40 3.35 -18.43
CA GLY B 185 0.12 4.52 -17.60
C GLY B 185 1.00 4.55 -16.37
N THR B 186 0.49 5.16 -15.30
CA THR B 186 1.17 5.17 -14.01
C THR B 186 0.97 3.85 -13.29
N MET B 187 2.02 3.33 -12.68
CA MET B 187 1.98 2.04 -12.00
C MET B 187 2.87 2.12 -10.76
N ASN B 188 2.26 2.10 -9.59
CA ASN B 188 2.98 2.11 -8.32
C ASN B 188 2.69 0.83 -7.58
N LEU B 189 3.72 0.02 -7.35
CA LEU B 189 3.60 -1.26 -6.66
C LEU B 189 4.53 -1.17 -5.46
N GLY B 190 3.95 -1.08 -4.26
CA GLY B 190 4.78 -0.88 -3.10
C GLY B 190 4.17 -1.48 -1.85
N GLY B 191 5.01 -1.57 -0.82
CA GLY B 191 4.57 -2.06 0.46
C GLY B 191 5.63 -2.91 1.13
N SER B 192 5.20 -3.91 1.89
CA SER B 192 6.15 -4.65 2.71
C SER B 192 5.54 -6.00 3.12
N LEU B 193 6.44 -6.92 3.43
CA LEU B 193 6.09 -8.21 4.00
C LEU B 193 6.92 -8.41 5.27
N THR B 194 6.32 -9.07 6.25
CA THR B 194 6.98 -9.32 7.52
C THR B 194 6.93 -10.81 7.84
N ARG B 195 8.04 -11.35 8.33
CA ARG B 195 8.12 -12.74 8.76
C ARG B 195 8.80 -12.79 10.12
N GLN B 196 8.50 -13.85 10.85
CA GLN B 196 9.03 -14.06 12.18
C GLN B 196 9.50 -15.50 12.31
N MET B 197 10.52 -15.70 13.14
CA MET B 197 10.91 -17.05 13.55
C MET B 197 11.73 -16.96 14.82
N GLU B 198 11.93 -18.11 15.44
CA GLU B 198 12.77 -18.15 16.64
C GLU B 198 13.34 -19.55 16.78
N LYS B 199 14.50 -19.64 17.43
CA LYS B 199 15.15 -20.92 17.66
C LYS B 199 16.22 -20.77 18.74
N ASP B 200 16.50 -21.88 19.40
CA ASP B 200 17.67 -21.98 20.26
C ASP B 200 18.85 -22.38 19.40
N GLU B 201 19.99 -21.70 19.59
CA GLU B 201 21.22 -22.06 18.90
C GLU B 201 22.32 -22.25 19.93
N THR B 202 23.24 -23.16 19.62
CA THR B 202 24.48 -23.26 20.35
C THR B 202 25.26 -21.95 20.20
N VAL B 203 25.76 -21.45 21.32
CA VAL B 203 26.67 -20.31 21.32
C VAL B 203 28.02 -20.81 21.82
N SER B 204 29.02 -20.75 20.94
CA SER B 204 30.35 -21.24 21.26
C SER B 204 31.38 -20.28 20.67
N ASP B 205 32.65 -20.60 20.88
CA ASP B 205 33.73 -19.80 20.30
C ASP B 205 33.73 -19.89 18.78
N SER B 206 33.38 -21.06 18.24
CA SER B 206 33.30 -21.23 16.78
C SER B 206 31.93 -20.84 16.22
N SER B 207 30.93 -20.69 17.07
CA SER B 207 29.60 -20.19 16.67
C SER B 207 29.21 -19.07 17.62
N PRO B 208 29.79 -17.88 17.46
CA PRO B 208 29.43 -16.75 18.33
C PRO B 208 28.10 -16.12 17.90
N HIS B 209 27.62 -15.20 18.76
CA HIS B 209 26.34 -14.52 18.53
C HIS B 209 26.22 -13.95 17.13
N ILE B 210 27.23 -13.19 16.68
CA ILE B 210 27.11 -12.54 15.38
C ILE B 210 26.99 -13.57 14.26
N ALA B 211 27.70 -14.69 14.38
CA ALA B 211 27.53 -15.75 13.40
C ALA B 211 26.13 -16.34 13.44
N ASN B 212 25.58 -16.55 14.64
CA ASN B 212 24.22 -17.08 14.75
C ASN B 212 23.20 -16.11 14.19
N ILE B 213 23.36 -14.82 14.51
CA ILE B 213 22.45 -13.80 14.01
C ILE B 213 22.57 -13.66 12.50
N GLY B 214 23.79 -13.69 11.98
CA GLY B 214 23.98 -13.51 10.56
C GLY B 214 23.34 -14.60 9.72
N ARG B 215 23.45 -15.85 10.19
CA ARG B 215 22.78 -16.94 9.48
C ARG B 215 21.26 -16.78 9.53
N LEU B 216 20.71 -16.42 10.70
CA LEU B 216 19.27 -16.22 10.77
C LEU B 216 18.82 -15.13 9.82
N VAL B 217 19.56 -14.02 9.78
CA VAL B 217 19.20 -12.89 8.92
C VAL B 217 19.33 -13.29 7.45
N GLU B 218 20.43 -13.96 7.09
CA GLU B 218 20.63 -14.36 5.70
C GLU B 218 19.55 -15.34 5.27
N ASP B 219 19.24 -16.33 6.10
CA ASP B 219 18.19 -17.28 5.75
C ASP B 219 16.86 -16.57 5.58
N MET B 220 16.53 -15.68 6.52
CA MET B 220 15.26 -14.96 6.46
C MET B 220 15.17 -14.09 5.22
N GLU B 221 16.24 -13.35 4.91
CA GLU B 221 16.16 -12.40 3.80
C GLU B 221 16.11 -13.12 2.46
N ASN B 222 16.86 -14.22 2.31
CA ASN B 222 16.73 -15.02 1.10
C ASN B 222 15.29 -15.53 0.95
N LYS B 223 14.66 -15.93 2.05
CA LYS B 223 13.27 -16.37 1.99
C LYS B 223 12.34 -15.22 1.61
N ILE B 224 12.48 -14.07 2.26
CA ILE B 224 11.58 -12.96 1.97
C ILE B 224 11.77 -12.47 0.54
N ARG B 225 13.01 -12.50 0.04
CA ARG B 225 13.24 -12.13 -1.35
C ARG B 225 12.40 -12.98 -2.28
N SER B 226 12.37 -14.29 -2.07
CA SER B 226 11.56 -15.15 -2.92
C SER B 226 10.08 -14.93 -2.68
N THR B 227 9.67 -14.60 -1.45
CA THR B 227 8.23 -14.40 -1.26
C THR B 227 7.77 -13.05 -1.83
N LEU B 228 8.64 -12.03 -1.80
CA LEU B 228 8.33 -10.78 -2.50
C LEU B 228 8.19 -11.02 -4.00
N ASN B 229 9.11 -11.78 -4.59
CA ASN B 229 9.00 -12.12 -6.00
C ASN B 229 7.65 -12.76 -6.29
N GLU B 230 7.24 -13.73 -5.46
CA GLU B 230 5.97 -14.42 -5.66
C GLU B 230 4.78 -13.47 -5.46
N ILE B 231 4.77 -12.70 -4.37
CA ILE B 231 3.61 -11.87 -4.05
C ILE B 231 3.50 -10.69 -5.02
N TYR B 232 4.61 -9.97 -5.22
CA TYR B 232 4.58 -8.76 -6.05
C TYR B 232 4.28 -9.09 -7.51
N PHE B 233 5.06 -9.99 -8.11
CA PHE B 233 5.00 -10.17 -9.55
C PHE B 233 4.21 -11.40 -9.97
N GLY B 234 3.80 -12.23 -9.01
CA GLY B 234 2.89 -13.31 -9.28
C GLY B 234 1.48 -13.01 -8.77
N LYS B 235 1.32 -12.95 -7.44
CA LYS B 235 -0.02 -12.84 -6.87
C LYS B 235 -0.74 -11.56 -7.32
N THR B 236 -0.12 -10.38 -7.11
CA THR B 236 -0.86 -9.16 -7.42
C THR B 236 -1.14 -9.05 -8.91
N LYS B 237 -0.23 -9.55 -9.76
CA LYS B 237 -0.51 -9.58 -11.19
C LYS B 237 -1.70 -10.51 -11.49
N ASP B 238 -1.68 -11.72 -10.91
CA ASP B 238 -2.82 -12.62 -11.06
C ASP B 238 -4.12 -11.97 -10.64
N ILE B 239 -4.11 -11.22 -9.54
CA ILE B 239 -5.32 -10.54 -9.08
C ILE B 239 -5.78 -9.53 -10.11
N VAL B 240 -4.86 -8.73 -10.66
CA VAL B 240 -5.21 -7.77 -11.72
C VAL B 240 -5.93 -8.48 -12.85
N ASN B 241 -5.36 -9.59 -13.32
CA ASN B 241 -5.94 -10.24 -14.49
C ASN B 241 -7.25 -10.94 -14.17
N GLY B 242 -7.50 -11.28 -12.91
CA GLY B 242 -8.79 -11.77 -12.50
C GLY B 242 -9.87 -10.71 -12.42
N LEU B 243 -9.50 -9.43 -12.49
CA LEU B 243 -10.51 -8.37 -12.49
C LEU B 243 -11.15 -8.20 -13.86
N ARG B 244 -10.45 -8.60 -14.90
CA ARG B 244 -10.91 -8.37 -16.25
C ARG B 244 -10.59 -9.60 -17.09
N LEU C 2 -6.52 -8.86 12.32
CA LEU C 2 -5.24 -9.22 11.72
C LEU C 2 -4.17 -9.41 12.80
N LEU C 3 -3.26 -10.35 12.57
CA LEU C 3 -2.13 -10.57 13.46
C LEU C 3 -1.01 -9.59 13.14
N HIS C 4 -0.46 -8.95 14.17
CA HIS C 4 0.57 -7.92 14.03
C HIS C 4 1.90 -8.46 14.55
N LEU C 5 2.77 -8.90 13.63
CA LEU C 5 4.03 -9.53 14.02
C LEU C 5 4.99 -8.52 14.64
N THR C 6 5.00 -7.27 14.16
CA THR C 6 5.91 -6.28 14.72
C THR C 6 5.53 -5.83 16.12
N ALA C 7 4.33 -6.19 16.61
CA ALA C 7 3.92 -5.89 17.97
C ALA C 7 4.51 -6.85 19.00
N ASN C 8 5.11 -7.96 18.56
CA ASN C 8 5.82 -8.88 19.44
C ASN C 8 7.33 -8.75 19.30
N ARG C 9 7.82 -7.61 18.84
CA ARG C 9 9.24 -7.34 18.80
C ARG C 9 9.71 -6.82 20.16
N PRO C 10 11.01 -6.91 20.44
CA PRO C 10 11.54 -6.24 21.63
C PRO C 10 11.43 -4.73 21.50
N LYS C 11 11.19 -4.08 22.64
CA LYS C 11 11.14 -2.62 22.67
C LYS C 11 12.55 -2.05 22.59
N GLY C 12 12.66 -0.83 22.07
CA GLY C 12 13.94 -0.20 21.81
C GLY C 12 14.72 0.11 23.07
N PRO C 13 15.84 0.86 22.90
CA PRO C 13 16.74 1.21 24.02
C PRO C 13 16.03 1.97 25.16
#